data_5TYO
#
_entry.id   5TYO
#
_cell.length_a   49.082
_cell.length_b   101.219
_cell.length_c   222.805
_cell.angle_alpha   90.00
_cell.angle_beta   90.00
_cell.angle_gamma   90.00
#
_symmetry.space_group_name_H-M   'C 2 2 21'
#
loop_
_entity.id
_entity.type
_entity.pdbx_description
1 polymer 'Carboxylic ester hydrolase'
2 non-polymer '[3-(benzyloxy)-4-methylphenyl]borinic acid'
3 water water
#
_entity_poly.entity_id   1
_entity_poly.type   'polypeptide(L)'
_entity_poly.pdbx_seq_one_letter_code
;MHHHHHHMNFNVSLMEKLKWKIKCIENKFLNYRLTTNETVVAETEYGKVKGVKRLTVYDDSYYSFEGIPYAQPPVGELRF
KAPQRPTPWAGVRDCCNHKDKSVQVDFITGKVCGSEDCLYLSVYTNNLNPETKRPVLVYIHGGGFIIGENHRDMYGPDYF
IKKDVVLINIQYRLGALGFLSLNSEDLNVPGNAGLKDQVMALRWIKNNCANFGGNPDNITVFGESAGAASTHYMMLTEQT
RGLFHRGILMSGNAICPWANTQCQHRAFTLAKLAGYKGEDNDKDVLEFLMKAKPQDLIKLEEKVLTLEERTNKVMFPFGP
TVEPYQTADCVLPKHPREMVKTAWGNSIPTMMGNTSYEGLFFTSILKQMPLLVKELETCVNFVPSELADAERTAPETLEM
GAKIKKAHVTGETPTADNFMDLCSHFYFWFPMHRLLQLRFNHTSGTPVYLYRFDFDSEDLINPYRIMRSGRGVKGVSHTD
ELTYFFWNQLAKRMPKESREYKTIERMTGIWTQFATTGNPYSNEIEGMENVSWDPIEKSDEVYKCLNISDELKMIDVPEM
GKIKQWESMFEKHRDLF
;
_entity_poly.pdbx_strand_id   A
#
# COMPACT_ATOMS: atom_id res chain seq x y z
N VAL A 12 17.84 5.15 13.11
CA VAL A 12 18.71 4.85 11.98
C VAL A 12 20.10 5.43 12.23
N SER A 13 21.13 4.67 11.86
CA SER A 13 22.52 5.03 12.14
C SER A 13 22.95 6.34 11.49
N LEU A 14 23.91 7.03 12.12
CA LEU A 14 24.53 8.23 11.55
C LEU A 14 25.12 7.97 10.18
N MET A 15 25.72 6.79 10.02
CA MET A 15 26.28 6.36 8.74
C MET A 15 25.23 6.33 7.65
N GLU A 16 24.08 5.71 7.96
CA GLU A 16 22.99 5.61 7.01
C GLU A 16 22.30 6.96 6.84
N LYS A 17 22.32 7.78 7.89
CA LYS A 17 21.79 9.14 7.82
C LYS A 17 22.61 9.99 6.85
N LEU A 18 23.91 10.04 7.05
CA LEU A 18 24.79 10.79 6.15
C LEU A 18 24.76 10.18 4.75
N LYS A 19 24.72 8.86 4.68
CA LYS A 19 24.61 8.18 3.38
C LYS A 19 23.37 8.66 2.64
N TRP A 20 22.29 8.82 3.38
CA TRP A 20 21.00 9.21 2.82
C TRP A 20 20.99 10.67 2.39
N LYS A 21 21.54 11.54 3.23
CA LYS A 21 21.69 12.96 2.92
C LYS A 21 22.43 13.17 1.60
N ILE A 22 23.50 12.41 1.41
CA ILE A 22 24.30 12.45 0.18
C ILE A 22 23.49 12.01 -1.05
N LYS A 23 22.80 10.89 -0.93
CA LYS A 23 21.95 10.38 -2.01
C LYS A 23 20.81 11.35 -2.30
N CYS A 24 20.38 12.06 -1.26
CA CYS A 24 19.39 13.12 -1.42
C CYS A 24 19.99 14.25 -2.25
N ILE A 25 21.24 14.60 -1.96
CA ILE A 25 21.96 15.63 -2.70
C ILE A 25 22.23 15.17 -4.13
N GLU A 26 22.55 13.88 -4.28
CA GLU A 26 22.75 13.31 -5.60
C GLU A 26 21.45 13.26 -6.39
N ASN A 27 20.35 12.93 -5.72
CA ASN A 27 19.03 12.88 -6.36
C ASN A 27 18.64 14.24 -6.93
N LYS A 28 18.87 15.30 -6.15
CA LYS A 28 18.50 16.65 -6.59
C LYS A 28 19.28 17.06 -7.84
N PHE A 29 20.56 16.72 -7.88
CA PHE A 29 21.37 17.06 -9.05
C PHE A 29 21.02 16.17 -10.24
N LEU A 30 20.78 14.88 -10.00
CA LEU A 30 20.40 13.99 -11.09
C LEU A 30 19.05 14.40 -11.64
N ASN A 31 18.14 14.82 -10.76
CA ASN A 31 16.84 15.29 -11.20
C ASN A 31 16.96 16.50 -12.11
N TYR A 32 17.83 17.44 -11.71
CA TYR A 32 18.10 18.61 -12.54
C TYR A 32 18.65 18.19 -13.90
N ARG A 33 19.67 17.34 -13.89
CA ARG A 33 20.34 16.88 -15.09
C ARG A 33 19.42 16.12 -16.05
N LEU A 34 18.43 15.42 -15.50
CA LEU A 34 17.51 14.65 -16.34
C LEU A 34 16.28 15.43 -16.71
N THR A 35 16.26 16.72 -16.36
CA THR A 35 15.18 17.60 -16.78
C THR A 35 15.54 18.11 -18.18
N THR A 36 14.52 18.39 -19.00
CA THR A 36 14.72 18.98 -20.32
C THR A 36 14.00 20.32 -20.43
N ASN A 37 14.25 21.04 -21.53
CA ASN A 37 13.56 22.30 -21.76
C ASN A 37 12.21 22.12 -22.45
N GLU A 38 11.83 20.89 -22.76
CA GLU A 38 10.58 20.70 -23.47
C GLU A 38 9.41 20.66 -22.51
N THR A 39 8.78 21.81 -22.33
CA THR A 39 7.58 21.91 -21.52
C THR A 39 6.35 21.73 -22.40
N VAL A 40 5.26 21.32 -21.77
CA VAL A 40 4.04 20.99 -22.49
C VAL A 40 2.84 21.38 -21.62
N VAL A 41 1.74 21.77 -22.26
CA VAL A 41 0.53 22.11 -21.52
C VAL A 41 -0.60 21.15 -21.84
N ALA A 42 -1.21 20.60 -20.79
CA ALA A 42 -2.34 19.71 -20.95
C ALA A 42 -3.59 20.33 -20.36
N GLU A 43 -4.74 19.90 -20.86
CA GLU A 43 -6.03 20.34 -20.34
C GLU A 43 -6.49 19.43 -19.22
N THR A 44 -7.08 20.02 -18.18
CA THR A 44 -7.82 19.27 -17.17
C THR A 44 -9.14 20.00 -16.98
N GLU A 45 -10.06 19.37 -16.27
CA GLU A 45 -11.38 19.95 -16.11
C GLU A 45 -11.32 21.14 -15.14
N TYR A 46 -10.21 21.27 -14.43
CA TYR A 46 -10.03 22.39 -13.50
C TYR A 46 -9.10 23.46 -14.07
N GLY A 47 -8.60 23.23 -15.28
CA GLY A 47 -7.72 24.19 -15.91
C GLY A 47 -6.48 23.56 -16.53
N LYS A 48 -5.70 24.40 -17.21
CA LYS A 48 -4.49 23.95 -17.92
C LYS A 48 -3.37 23.66 -16.95
N VAL A 49 -2.58 22.63 -17.25
CA VAL A 49 -1.43 22.28 -16.44
C VAL A 49 -0.18 22.19 -17.31
N LYS A 50 0.92 22.70 -16.81
CA LYS A 50 2.18 22.67 -17.56
C LYS A 50 3.08 21.56 -17.04
N GLY A 51 3.51 20.68 -17.93
CA GLY A 51 4.43 19.63 -17.55
C GLY A 51 5.76 19.79 -18.26
N VAL A 52 6.65 18.84 -18.02
CA VAL A 52 7.99 18.87 -18.59
C VAL A 52 8.42 17.45 -18.95
N LYS A 53 9.23 17.32 -20.00
CA LYS A 53 9.81 16.03 -20.34
C LYS A 53 11.05 15.75 -19.52
N ARG A 54 11.19 14.51 -19.06
CA ARG A 54 12.31 14.09 -18.23
C ARG A 54 13.00 12.90 -18.86
N LEU A 55 14.28 12.71 -18.52
CA LEU A 55 15.05 11.56 -19.01
C LEU A 55 15.25 10.53 -17.91
N THR A 56 15.65 9.32 -18.30
CA THR A 56 16.01 8.25 -17.36
C THR A 56 17.45 7.82 -17.56
N VAL A 57 17.99 7.08 -16.60
CA VAL A 57 19.36 6.58 -16.73
C VAL A 57 19.50 5.54 -17.85
N TYR A 58 18.38 5.02 -18.35
CA TYR A 58 18.42 4.08 -19.46
C TYR A 58 18.22 4.77 -20.80
N ASP A 59 18.39 6.09 -20.80
CA ASP A 59 18.28 6.92 -21.99
C ASP A 59 16.88 6.90 -22.62
N ASP A 60 15.86 6.70 -21.79
CA ASP A 60 14.47 6.89 -22.21
C ASP A 60 14.00 8.27 -21.77
N SER A 61 12.78 8.62 -22.14
CA SER A 61 12.22 9.91 -21.70
C SER A 61 10.70 9.83 -21.59
N TYR A 62 10.12 10.72 -20.79
CA TYR A 62 8.68 10.70 -20.51
C TYR A 62 8.22 12.12 -20.17
N TYR A 63 6.95 12.41 -20.43
CA TYR A 63 6.34 13.66 -19.99
C TYR A 63 5.86 13.53 -18.55
N SER A 64 6.17 14.55 -17.75
CA SER A 64 5.90 14.53 -16.32
C SER A 64 4.99 15.69 -15.91
N PHE A 65 3.88 15.37 -15.28
CA PHE A 65 3.03 16.39 -14.66
C PHE A 65 2.97 16.05 -13.17
N GLU A 66 3.51 16.91 -12.31
CA GLU A 66 3.47 16.66 -10.87
C GLU A 66 2.74 17.80 -10.18
N GLY A 67 2.19 17.56 -8.99
CA GLY A 67 1.54 18.62 -8.27
C GLY A 67 0.19 19.02 -8.84
N ILE A 68 -0.47 18.08 -9.51
CA ILE A 68 -1.86 18.29 -9.90
C ILE A 68 -2.78 18.09 -8.70
N PRO A 69 -3.46 19.16 -8.24
CA PRO A 69 -4.38 19.00 -7.09
C PRO A 69 -5.67 18.28 -7.49
N TYR A 70 -6.15 17.39 -6.63
CA TYR A 70 -7.42 16.74 -6.88
C TYR A 70 -8.42 17.09 -5.79
N ALA A 71 -8.00 17.94 -4.86
CA ALA A 71 -8.82 18.33 -3.73
C ALA A 71 -8.32 19.66 -3.17
N GLN A 72 -9.17 20.34 -2.42
CA GLN A 72 -8.72 21.51 -1.68
C GLN A 72 -7.68 21.09 -0.66
N PRO A 73 -6.64 21.90 -0.45
CA PRO A 73 -5.72 21.66 0.68
C PRO A 73 -6.49 21.51 2.00
N PRO A 74 -6.37 20.36 2.65
CA PRO A 74 -7.15 20.00 3.84
C PRO A 74 -6.63 20.67 5.10
N VAL A 75 -6.60 22.00 5.07
CA VAL A 75 -6.01 22.76 6.16
C VAL A 75 -7.11 23.52 6.88
N GLY A 76 -6.77 23.99 8.08
CA GLY A 76 -7.70 24.76 8.90
C GLY A 76 -8.94 23.95 9.21
N GLU A 77 -10.10 24.51 8.87
CA GLU A 77 -11.38 23.87 9.20
C GLU A 77 -11.60 22.60 8.40
N LEU A 78 -10.73 22.35 7.44
CA LEU A 78 -10.85 21.13 6.64
C LEU A 78 -10.00 19.98 7.19
N ARG A 79 -9.14 20.27 8.16
CA ARG A 79 -8.40 19.20 8.83
C ARG A 79 -9.36 18.17 9.40
N PHE A 80 -9.03 16.89 9.15
CA PHE A 80 -9.79 15.72 9.63
C PHE A 80 -11.09 15.48 8.86
N LYS A 81 -11.41 16.35 7.91
CA LYS A 81 -12.67 16.30 7.16
C LYS A 81 -12.48 15.64 5.80
N ALA A 82 -13.57 15.10 5.25
CA ALA A 82 -13.58 14.57 3.88
C ALA A 82 -13.03 15.62 2.89
N PRO A 83 -12.34 15.17 1.83
CA PRO A 83 -11.76 16.17 0.92
C PRO A 83 -12.81 16.91 0.10
N GLN A 84 -12.50 18.15 -0.28
CA GLN A 84 -13.39 19.00 -1.06
C GLN A 84 -12.79 19.24 -2.45
N ARG A 85 -13.65 19.24 -3.48
CA ARG A 85 -13.20 19.49 -4.85
C ARG A 85 -12.37 20.78 -4.91
N PRO A 86 -11.27 20.75 -5.67
CA PRO A 86 -10.36 21.89 -5.71
C PRO A 86 -10.90 23.02 -6.58
N THR A 87 -10.40 24.23 -6.37
CA THR A 87 -10.89 25.39 -7.11
C THR A 87 -10.21 25.52 -8.46
N PRO A 88 -11.00 25.67 -9.54
CA PRO A 88 -10.45 25.77 -10.88
C PRO A 88 -9.71 27.09 -11.07
N TRP A 89 -8.85 27.17 -12.07
CA TRP A 89 -8.07 28.37 -12.28
C TRP A 89 -8.15 28.81 -13.74
N ALA A 90 -8.06 30.11 -13.95
CA ALA A 90 -7.80 30.64 -15.28
C ALA A 90 -6.30 30.50 -15.49
N GLY A 91 -5.87 30.40 -16.74
CA GLY A 91 -4.45 30.36 -17.01
C GLY A 91 -3.86 28.96 -16.87
N VAL A 92 -2.53 28.92 -16.73
CA VAL A 92 -1.83 27.65 -16.71
C VAL A 92 -1.14 27.41 -15.36
N ARG A 93 -1.46 26.27 -14.76
CA ARG A 93 -0.85 25.87 -13.51
C ARG A 93 0.50 25.18 -13.73
N ASP A 94 1.51 25.59 -12.97
CA ASP A 94 2.83 24.97 -13.02
C ASP A 94 2.79 23.56 -12.42
N CYS A 95 3.13 22.55 -13.21
CA CYS A 95 3.17 21.19 -12.69
C CYS A 95 4.53 20.56 -13.02
N CYS A 96 5.55 21.41 -13.07
CA CYS A 96 6.91 20.98 -13.39
C CYS A 96 7.72 20.61 -12.17
N ASN A 97 7.08 20.66 -11.00
CA ASN A 97 7.72 20.24 -9.76
C ASN A 97 6.75 19.50 -8.87
N HIS A 98 7.29 18.61 -8.04
CA HIS A 98 6.44 17.88 -7.10
C HIS A 98 6.02 18.79 -5.94
N LYS A 99 4.97 18.38 -5.25
CA LYS A 99 4.53 19.05 -4.05
C LYS A 99 5.15 18.34 -2.83
N ASP A 100 4.74 18.70 -1.62
CA ASP A 100 5.30 18.02 -0.46
C ASP A 100 4.53 16.74 -0.20
N LYS A 101 5.11 15.85 0.60
CA LYS A 101 4.41 14.64 1.03
C LYS A 101 3.53 14.95 2.22
N SER A 102 2.66 14.02 2.58
CA SER A 102 1.79 14.18 3.74
C SER A 102 2.64 14.23 5.00
N VAL A 103 2.18 14.92 6.04
CA VAL A 103 2.96 15.00 7.26
C VAL A 103 3.24 13.61 7.83
N GLN A 104 4.51 13.33 8.15
CA GLN A 104 4.91 12.01 8.62
C GLN A 104 6.27 12.01 9.28
N VAL A 105 6.59 10.96 10.03
CA VAL A 105 7.94 10.87 10.55
C VAL A 105 8.85 10.29 9.48
N ASP A 106 9.91 11.02 9.13
CA ASP A 106 10.91 10.49 8.21
C ASP A 106 11.59 9.32 8.90
N PHE A 107 11.49 8.14 8.31
CA PHE A 107 12.03 6.95 8.95
C PHE A 107 13.55 7.03 9.10
N ILE A 108 14.22 7.68 8.13
CA ILE A 108 15.68 7.83 8.19
C ILE A 108 16.11 8.84 9.26
N THR A 109 15.64 10.07 9.14
CA THR A 109 16.09 11.14 10.03
C THR A 109 15.47 11.04 11.44
N GLY A 110 14.22 10.60 11.51
CA GLY A 110 13.51 10.54 12.78
C GLY A 110 12.73 11.82 13.04
N LYS A 111 12.92 12.81 12.16
CA LYS A 111 12.22 14.07 12.27
C LYS A 111 10.94 14.08 11.45
N VAL A 112 9.98 14.88 11.86
CA VAL A 112 8.73 15.04 11.12
C VAL A 112 8.97 15.89 9.88
N CYS A 113 8.46 15.44 8.76
CA CYS A 113 8.58 16.17 7.51
C CYS A 113 7.23 16.18 6.80
N GLY A 114 7.18 16.86 5.66
CA GLY A 114 5.96 16.94 4.90
C GLY A 114 5.06 18.10 5.29
N SER A 115 3.84 18.08 4.78
CA SER A 115 2.94 19.22 4.89
C SER A 115 1.48 18.78 4.84
N GLU A 116 0.63 19.55 5.48
CA GLU A 116 -0.81 19.31 5.39
C GLU A 116 -1.32 19.48 3.97
N ASP A 117 -0.61 20.29 3.20
CA ASP A 117 -0.94 20.59 1.82
C ASP A 117 -0.31 19.52 0.93
N CYS A 118 -1.00 18.39 0.77
CA CYS A 118 -0.36 17.21 0.20
C CYS A 118 -1.24 16.44 -0.78
N LEU A 119 -2.43 16.96 -1.08
CA LEU A 119 -3.38 16.19 -1.89
C LEU A 119 -3.15 16.41 -3.39
N TYR A 120 -2.12 15.75 -3.90
CA TYR A 120 -1.74 15.89 -5.29
C TYR A 120 -1.51 14.54 -5.93
N LEU A 121 -1.49 14.54 -7.25
CA LEU A 121 -1.10 13.36 -8.00
C LEU A 121 -0.19 13.78 -9.13
N SER A 122 0.50 12.79 -9.70
CA SER A 122 1.45 13.01 -10.76
C SER A 122 1.12 12.08 -11.92
N VAL A 123 1.27 12.59 -13.14
CA VAL A 123 0.89 11.85 -14.35
C VAL A 123 2.11 11.73 -15.25
N TYR A 124 2.42 10.50 -15.67
CA TYR A 124 3.58 10.26 -16.53
C TYR A 124 3.20 9.48 -17.78
N THR A 125 3.80 9.85 -18.93
CA THR A 125 3.64 9.06 -20.15
C THR A 125 4.73 9.35 -21.17
N ASN A 126 5.10 8.34 -21.96
CA ASN A 126 6.16 8.53 -22.93
C ASN A 126 5.66 9.25 -24.20
N ASN A 127 4.35 9.44 -24.28
CA ASN A 127 3.74 10.06 -25.45
C ASN A 127 2.40 10.71 -25.13
N LEU A 128 2.35 12.04 -25.23
CA LEU A 128 1.13 12.78 -24.90
C LEU A 128 0.04 12.65 -25.97
N ASN A 129 0.44 12.33 -27.19
CA ASN A 129 -0.53 12.09 -28.25
C ASN A 129 -0.34 10.74 -28.91
N PRO A 130 -0.64 9.67 -28.17
CA PRO A 130 -0.48 8.31 -28.71
C PRO A 130 -1.48 8.04 -29.82
N GLU A 131 -1.16 7.07 -30.69
CA GLU A 131 -2.07 6.67 -31.75
C GLU A 131 -3.35 6.07 -31.17
N THR A 132 -3.21 5.34 -30.06
CA THR A 132 -4.32 4.67 -29.39
C THR A 132 -4.51 5.20 -27.96
N LYS A 133 -5.75 5.15 -27.45
CA LYS A 133 -6.02 5.40 -26.05
C LYS A 133 -5.36 4.31 -25.21
N ARG A 134 -4.50 4.72 -24.28
CA ARG A 134 -3.64 3.79 -23.55
C ARG A 134 -4.20 3.33 -22.22
N PRO A 135 -3.78 2.12 -21.78
CA PRO A 135 -4.10 1.67 -20.41
C PRO A 135 -3.56 2.64 -19.35
N VAL A 136 -4.38 2.92 -18.35
CA VAL A 136 -4.02 3.80 -17.24
C VAL A 136 -3.76 2.98 -15.98
N LEU A 137 -2.56 3.13 -15.44
CA LEU A 137 -2.17 2.41 -14.24
C LEU A 137 -2.06 3.42 -13.12
N VAL A 138 -2.81 3.19 -12.05
CA VAL A 138 -2.84 4.09 -10.90
C VAL A 138 -2.15 3.44 -9.70
N TYR A 139 -1.01 3.99 -9.27
CA TYR A 139 -0.30 3.44 -8.11
C TYR A 139 -0.66 4.13 -6.80
N ILE A 140 -1.06 3.34 -5.83
CA ILE A 140 -1.26 3.82 -4.45
C ILE A 140 -0.16 3.26 -3.57
N HIS A 141 0.69 4.13 -3.02
CA HIS A 141 1.80 3.69 -2.20
C HIS A 141 1.36 3.14 -0.86
N GLY A 142 2.22 2.31 -0.28
CA GLY A 142 2.04 1.84 1.08
C GLY A 142 2.91 2.60 2.05
N GLY A 143 3.05 2.03 3.24
CA GLY A 143 3.73 2.71 4.34
C GLY A 143 2.82 2.72 5.55
N GLY A 144 2.06 1.64 5.71
CA GLY A 144 1.18 1.45 6.87
C GLY A 144 0.16 2.55 7.15
N PHE A 145 -0.16 3.32 6.12
CA PHE A 145 -1.00 4.53 6.20
C PHE A 145 -0.37 5.63 7.04
N ILE A 146 0.93 5.54 7.32
CA ILE A 146 1.56 6.57 8.14
C ILE A 146 2.81 7.19 7.50
N ILE A 147 3.40 6.53 6.51
CA ILE A 147 4.47 7.14 5.73
C ILE A 147 4.22 6.91 4.24
N GLY A 148 5.02 7.56 3.40
CA GLY A 148 4.90 7.40 1.96
C GLY A 148 4.73 8.70 1.22
N GLU A 149 4.84 8.64 -0.11
CA GLU A 149 4.86 9.84 -0.95
C GLU A 149 4.77 9.40 -2.42
N ASN A 150 4.54 10.36 -3.32
CA ASN A 150 4.61 10.06 -4.76
C ASN A 150 5.83 10.68 -5.41
N HIS A 151 6.81 11.06 -4.58
CA HIS A 151 8.05 11.67 -5.07
C HIS A 151 8.85 10.66 -5.86
N ARG A 152 9.51 11.13 -6.90
CA ARG A 152 10.19 10.20 -7.79
C ARG A 152 11.48 9.69 -7.19
N ASP A 153 11.90 10.24 -6.04
CA ASP A 153 13.07 9.70 -5.34
C ASP A 153 12.75 8.32 -4.72
N MET A 154 11.48 8.02 -4.58
N MET A 154 11.48 8.03 -4.57
CA MET A 154 11.09 6.70 -4.10
CA MET A 154 11.03 6.74 -4.04
C MET A 154 10.26 5.94 -5.13
C MET A 154 10.22 5.95 -5.07
N TYR A 155 9.43 6.66 -5.88
CA TYR A 155 8.53 6.01 -6.85
C TYR A 155 8.63 6.62 -8.25
N GLY A 156 9.80 6.46 -8.84
CA GLY A 156 10.04 7.01 -10.18
C GLY A 156 9.45 6.13 -11.26
N PRO A 157 8.81 6.74 -12.28
CA PRO A 157 8.10 6.00 -13.33
C PRO A 157 9.03 5.52 -14.43
N ASP A 158 10.33 5.64 -14.20
CA ASP A 158 11.36 5.45 -15.23
C ASP A 158 11.30 4.09 -15.92
N TYR A 159 10.81 3.08 -15.22
CA TYR A 159 10.77 1.74 -15.80
C TYR A 159 9.46 1.53 -16.53
N PHE A 160 8.36 1.98 -15.93
CA PHE A 160 7.04 1.78 -16.54
C PHE A 160 6.88 2.57 -17.85
N ILE A 161 7.61 3.68 -17.99
CA ILE A 161 7.46 4.51 -19.20
C ILE A 161 8.20 3.94 -20.40
N LYS A 162 8.94 2.85 -20.20
CA LYS A 162 9.39 2.02 -21.32
C LYS A 162 8.20 1.37 -22.02
N LYS A 163 7.07 1.27 -21.32
CA LYS A 163 5.86 0.70 -21.87
C LYS A 163 4.88 1.77 -22.30
N ASP A 164 4.01 1.43 -23.24
CA ASP A 164 3.06 2.42 -23.76
C ASP A 164 1.80 2.51 -22.91
N VAL A 165 1.97 3.01 -21.69
CA VAL A 165 0.86 3.18 -20.78
C VAL A 165 0.90 4.59 -20.19
N VAL A 166 -0.17 4.99 -19.49
CA VAL A 166 -0.14 6.19 -18.65
C VAL A 166 -0.07 5.76 -17.19
N LEU A 167 0.91 6.27 -16.45
CA LEU A 167 1.07 5.92 -15.04
C LEU A 167 0.81 7.11 -14.14
N ILE A 168 0.02 6.89 -13.11
CA ILE A 168 -0.38 7.94 -12.20
C ILE A 168 -0.11 7.52 -10.76
N ASN A 169 0.63 8.35 -10.05
CA ASN A 169 0.99 8.11 -8.64
C ASN A 169 0.29 9.13 -7.74
N ILE A 170 -0.50 8.66 -6.81
CA ILE A 170 -1.28 9.57 -5.98
C ILE A 170 -0.73 9.72 -4.57
N GLN A 171 -1.01 10.86 -3.93
CA GLN A 171 -0.84 10.96 -2.48
C GLN A 171 -2.21 11.04 -1.84
N TYR A 172 -2.23 10.85 -0.52
CA TYR A 172 -3.44 10.84 0.30
C TYR A 172 -3.01 11.08 1.75
N ARG A 173 -3.89 11.64 2.57
CA ARG A 173 -3.48 11.96 3.95
C ARG A 173 -3.12 10.71 4.77
N LEU A 174 -2.04 10.85 5.54
CA LEU A 174 -1.51 9.79 6.40
C LEU A 174 -1.75 10.05 7.88
N GLY A 175 -1.60 9.01 8.69
CA GLY A 175 -1.60 9.14 10.15
C GLY A 175 -2.88 9.72 10.71
N ALA A 176 -2.78 10.36 11.87
CA ALA A 176 -3.95 10.93 12.51
C ALA A 176 -4.65 11.97 11.62
N LEU A 177 -3.88 12.70 10.82
CA LEU A 177 -4.48 13.71 9.95
C LEU A 177 -5.33 13.05 8.86
N GLY A 178 -5.00 11.83 8.49
CA GLY A 178 -5.82 11.13 7.53
C GLY A 178 -6.89 10.21 8.10
N PHE A 179 -6.76 9.80 9.35
CA PHE A 179 -7.60 8.72 9.84
C PHE A 179 -8.18 8.90 11.24
N LEU A 180 -8.10 10.12 11.76
CA LEU A 180 -8.84 10.44 12.98
C LEU A 180 -10.31 10.05 12.79
N SER A 181 -10.93 9.51 13.83
CA SER A 181 -12.36 9.17 13.76
C SER A 181 -13.03 9.48 15.10
N LEU A 182 -14.15 10.19 15.02
CA LEU A 182 -14.92 10.59 16.20
C LEU A 182 -16.37 10.13 16.12
N ASN A 183 -16.86 9.53 17.19
CA ASN A 183 -18.23 9.01 17.25
C ASN A 183 -19.33 10.03 17.03
N SER A 184 -19.21 11.19 17.68
CA SER A 184 -20.25 12.21 17.63
C SER A 184 -20.55 12.70 16.22
N GLU A 185 -21.77 12.44 15.76
CA GLU A 185 -22.16 12.73 14.39
C GLU A 185 -22.07 14.21 14.02
N ASP A 186 -22.38 15.08 14.99
CA ASP A 186 -22.40 16.53 14.73
C ASP A 186 -21.07 17.10 14.24
N LEU A 187 -19.97 16.39 14.52
CA LEU A 187 -18.64 16.93 14.23
C LEU A 187 -18.10 16.65 12.83
N ASN A 188 -18.76 15.74 12.11
CA ASN A 188 -18.39 15.40 10.73
C ASN A 188 -16.96 14.90 10.59
N VAL A 189 -16.52 14.10 11.55
CA VAL A 189 -15.23 13.42 11.44
C VAL A 189 -15.46 11.94 11.63
N PRO A 190 -16.07 11.29 10.63
CA PRO A 190 -16.37 9.86 10.75
C PRO A 190 -15.15 8.95 10.61
N GLY A 191 -14.06 9.45 10.03
CA GLY A 191 -12.89 8.63 9.77
C GLY A 191 -12.62 8.47 8.29
N ASN A 192 -11.49 7.79 7.99
CA ASN A 192 -11.12 7.44 6.63
C ASN A 192 -10.95 8.63 5.68
N ALA A 193 -10.62 9.81 6.20
CA ALA A 193 -10.36 10.94 5.31
C ALA A 193 -9.36 10.58 4.22
N GLY A 194 -8.32 9.82 4.59
CA GLY A 194 -7.27 9.45 3.65
C GLY A 194 -7.78 8.54 2.55
N LEU A 195 -8.72 7.67 2.89
CA LEU A 195 -9.32 6.79 1.87
C LEU A 195 -10.24 7.62 0.98
N LYS A 196 -10.89 8.62 1.57
CA LYS A 196 -11.74 9.51 0.79
C LYS A 196 -10.91 10.36 -0.17
N ASP A 197 -9.72 10.78 0.25
CA ASP A 197 -8.73 11.37 -0.64
C ASP A 197 -8.52 10.48 -1.89
N GLN A 198 -8.22 9.21 -1.66
CA GLN A 198 -8.02 8.27 -2.75
C GLN A 198 -9.23 8.23 -3.70
N VAL A 199 -10.44 8.17 -3.12
CA VAL A 199 -11.66 8.16 -3.92
C VAL A 199 -11.74 9.39 -4.80
N MET A 200 -11.42 10.55 -4.23
CA MET A 200 -11.48 11.76 -5.05
C MET A 200 -10.41 11.76 -6.14
N ALA A 201 -9.20 11.29 -5.83
CA ALA A 201 -8.16 11.21 -6.85
C ALA A 201 -8.58 10.27 -8.01
N LEU A 202 -9.19 9.14 -7.68
CA LEU A 202 -9.68 8.20 -8.70
C LEU A 202 -10.74 8.84 -9.57
N ARG A 203 -11.63 9.63 -8.96
CA ARG A 203 -12.63 10.36 -9.73
C ARG A 203 -11.98 11.37 -10.67
N TRP A 204 -10.94 12.04 -10.21
CA TRP A 204 -10.20 12.96 -11.08
C TRP A 204 -9.59 12.20 -12.24
N ILE A 205 -9.02 11.05 -11.94
CA ILE A 205 -8.34 10.25 -12.96
C ILE A 205 -9.31 9.79 -14.06
N LYS A 206 -10.48 9.34 -13.65
CA LYS A 206 -11.50 8.88 -14.59
C LYS A 206 -11.89 10.00 -15.55
N ASN A 207 -12.10 11.19 -15.00
CA ASN A 207 -12.53 12.34 -15.77
C ASN A 207 -11.42 13.09 -16.52
N ASN A 208 -10.15 12.76 -16.29
CA ASN A 208 -9.07 13.53 -16.93
C ASN A 208 -7.97 12.75 -17.64
N CYS A 209 -7.92 11.42 -17.47
CA CYS A 209 -6.78 10.69 -18.02
C CYS A 209 -6.76 10.79 -19.55
N ALA A 210 -7.94 10.96 -20.15
CA ALA A 210 -8.04 11.09 -21.61
C ALA A 210 -7.23 12.26 -22.13
N ASN A 211 -7.05 13.28 -21.29
CA ASN A 211 -6.30 14.46 -21.68
C ASN A 211 -4.80 14.20 -21.76
N PHE A 212 -4.38 13.01 -21.34
CA PHE A 212 -2.97 12.68 -21.27
C PHE A 212 -2.66 11.46 -22.13
N GLY A 213 -3.67 11.01 -22.85
CA GLY A 213 -3.54 9.86 -23.74
C GLY A 213 -4.15 8.60 -23.14
N GLY A 214 -4.74 8.75 -21.95
CA GLY A 214 -5.30 7.61 -21.23
C GLY A 214 -6.63 7.15 -21.77
N ASN A 215 -6.91 5.86 -21.63
CA ASN A 215 -8.23 5.31 -21.93
C ASN A 215 -9.08 5.22 -20.65
N PRO A 216 -10.08 6.11 -20.52
CA PRO A 216 -10.91 6.08 -19.31
C PRO A 216 -11.73 4.81 -19.15
N ASP A 217 -11.72 3.95 -20.16
CA ASP A 217 -12.43 2.68 -20.05
C ASP A 217 -11.48 1.52 -19.76
N ASN A 218 -10.20 1.81 -19.58
CA ASN A 218 -9.24 0.78 -19.20
C ASN A 218 -8.26 1.30 -18.14
N ILE A 219 -8.73 1.37 -16.90
CA ILE A 219 -7.94 1.84 -15.77
C ILE A 219 -7.60 0.70 -14.81
N THR A 220 -6.33 0.60 -14.42
CA THR A 220 -5.91 -0.40 -13.44
C THR A 220 -5.41 0.28 -12.17
N VAL A 221 -5.94 -0.11 -11.01
CA VAL A 221 -5.44 0.40 -9.75
C VAL A 221 -4.57 -0.68 -9.10
N PHE A 222 -3.39 -0.26 -8.62
CA PHE A 222 -2.50 -1.19 -7.95
C PHE A 222 -1.76 -0.53 -6.81
N GLY A 223 -1.29 -1.35 -5.87
CA GLY A 223 -0.60 -0.82 -4.72
C GLY A 223 0.05 -1.93 -3.94
N GLU A 224 1.07 -1.59 -3.17
CA GLU A 224 1.78 -2.56 -2.34
C GLU A 224 1.60 -2.22 -0.84
N SER A 225 1.45 -3.25 -0.03
CA SER A 225 1.31 -3.11 1.44
C SER A 225 0.06 -2.29 1.78
N ALA A 226 0.17 -1.17 2.47
CA ALA A 226 -1.02 -0.36 2.71
C ALA A 226 -1.65 0.16 1.43
N GLY A 227 -0.84 0.26 0.37
CA GLY A 227 -1.37 0.60 -0.95
C GLY A 227 -2.18 -0.53 -1.56
N ALA A 228 -1.88 -1.78 -1.20
CA ALA A 228 -2.70 -2.92 -1.62
C ALA A 228 -4.01 -2.94 -0.83
N ALA A 229 -3.92 -2.75 0.48
CA ALA A 229 -5.13 -2.61 1.27
C ALA A 229 -5.98 -1.47 0.70
N SER A 230 -5.35 -0.34 0.35
CA SER A 230 -6.05 0.79 -0.26
C SER A 230 -6.74 0.43 -1.57
N THR A 231 -6.01 -0.27 -2.44
CA THR A 231 -6.59 -0.72 -3.69
C THR A 231 -7.79 -1.59 -3.41
N HIS A 232 -7.68 -2.44 -2.38
CA HIS A 232 -8.78 -3.34 -2.06
C HIS A 232 -9.98 -2.53 -1.56
N TYR A 233 -9.76 -1.57 -0.66
CA TYR A 233 -10.84 -0.66 -0.25
C TYR A 233 -11.52 0.06 -1.42
N MET A 234 -10.74 0.47 -2.42
CA MET A 234 -11.31 1.13 -3.60
C MET A 234 -12.14 0.14 -4.44
N MET A 235 -11.86 -1.16 -4.30
CA MET A 235 -12.64 -2.20 -4.97
C MET A 235 -13.86 -2.59 -4.14
N LEU A 236 -13.85 -2.22 -2.87
CA LEU A 236 -14.90 -2.61 -1.93
C LEU A 236 -16.02 -1.56 -1.82
N THR A 237 -15.61 -0.30 -1.75
CA THR A 237 -16.56 0.78 -1.49
C THR A 237 -17.46 1.05 -2.70
N GLU A 238 -18.71 1.39 -2.40
CA GLU A 238 -19.67 1.79 -3.43
C GLU A 238 -19.31 3.13 -4.06
N GLN A 239 -18.48 3.92 -3.37
CA GLN A 239 -18.14 5.24 -3.87
C GLN A 239 -17.41 5.21 -5.20
N THR A 240 -16.84 4.06 -5.54
CA THR A 240 -15.96 3.94 -6.70
C THR A 240 -16.50 2.99 -7.77
N ARG A 241 -17.75 2.56 -7.61
CA ARG A 241 -18.33 1.56 -8.51
C ARG A 241 -18.17 1.94 -9.99
N GLY A 242 -17.46 1.09 -10.73
CA GLY A 242 -17.27 1.28 -12.15
C GLY A 242 -16.19 2.26 -12.58
N LEU A 243 -15.46 2.81 -11.62
CA LEU A 243 -14.42 3.79 -11.92
C LEU A 243 -13.21 3.18 -12.61
N PHE A 244 -12.92 1.92 -12.32
CA PHE A 244 -11.79 1.24 -12.94
C PHE A 244 -12.07 -0.23 -13.21
N HIS A 245 -11.09 -0.91 -13.81
CA HIS A 245 -11.39 -2.11 -14.57
C HIS A 245 -10.50 -3.33 -14.30
N ARG A 246 -9.42 -3.12 -13.55
CA ARG A 246 -8.56 -4.20 -13.03
C ARG A 246 -8.01 -3.75 -11.68
N GLY A 247 -7.65 -4.69 -10.82
CA GLY A 247 -6.99 -4.33 -9.58
C GLY A 247 -5.84 -5.28 -9.29
N ILE A 248 -4.73 -4.75 -8.75
CA ILE A 248 -3.62 -5.58 -8.34
C ILE A 248 -3.25 -5.33 -6.87
N LEU A 249 -3.38 -6.38 -6.04
CA LEU A 249 -3.11 -6.29 -4.60
C LEU A 249 -1.74 -6.90 -4.31
N MET A 250 -0.75 -6.05 -4.06
CA MET A 250 0.62 -6.51 -3.84
C MET A 250 0.94 -6.57 -2.34
N SER A 251 0.99 -7.77 -1.76
CA SER A 251 1.32 -7.95 -0.33
C SER A 251 0.41 -7.16 0.62
N GLY A 252 -0.90 -7.32 0.43
CA GLY A 252 -1.90 -6.70 1.30
C GLY A 252 -3.30 -6.74 0.72
N ASN A 253 -4.26 -6.63 1.63
CA ASN A 253 -5.68 -6.44 1.30
C ASN A 253 -6.36 -5.88 2.54
N ALA A 254 -7.66 -5.60 2.42
CA ALA A 254 -8.37 -4.87 3.48
C ALA A 254 -8.64 -5.72 4.72
N ILE A 255 -8.46 -7.03 4.63
CA ILE A 255 -8.81 -7.81 5.83
C ILE A 255 -7.55 -8.29 6.54
N CYS A 256 -6.40 -7.84 6.08
CA CYS A 256 -5.20 -7.93 6.91
C CYS A 256 -5.47 -7.27 8.26
N PRO A 257 -4.95 -7.87 9.34
CA PRO A 257 -5.27 -7.35 10.67
C PRO A 257 -4.71 -5.94 10.88
N TRP A 258 -3.67 -5.58 10.12
CA TRP A 258 -3.07 -4.26 10.24
C TRP A 258 -3.79 -3.20 9.40
N ALA A 259 -4.75 -3.64 8.59
CA ALA A 259 -5.33 -2.78 7.56
C ALA A 259 -6.54 -1.97 8.04
N ASN A 260 -7.06 -2.28 9.22
CA ASN A 260 -8.13 -1.49 9.79
C ASN A 260 -8.13 -1.59 11.30
N THR A 261 -8.71 -0.59 11.94
CA THR A 261 -8.73 -0.55 13.39
C THR A 261 -9.88 0.33 13.87
N GLN A 262 -10.45 0.02 15.02
CA GLN A 262 -11.46 0.90 15.59
C GLN A 262 -10.78 1.87 16.56
N CYS A 263 -10.57 3.09 16.08
CA CYS A 263 -9.67 4.03 16.74
C CYS A 263 -10.41 5.22 17.33
N GLN A 264 -11.72 5.10 17.50
CA GLN A 264 -12.54 6.24 17.91
C GLN A 264 -12.17 6.74 19.30
N HIS A 265 -11.64 5.86 20.13
CA HIS A 265 -11.28 6.22 21.50
C HIS A 265 -9.88 6.82 21.61
N ARG A 266 -9.08 6.68 20.55
CA ARG A 266 -7.68 7.07 20.61
C ARG A 266 -7.46 8.56 20.34
N ALA A 267 -8.47 9.26 19.84
CA ALA A 267 -8.28 10.69 19.59
C ALA A 267 -8.07 11.44 20.92
N PHE A 268 -8.80 11.02 21.95
CA PHE A 268 -8.63 11.64 23.28
C PHE A 268 -7.19 11.45 23.76
N THR A 269 -6.67 10.23 23.58
CA THR A 269 -5.31 9.88 23.98
C THR A 269 -4.27 10.75 23.29
N LEU A 270 -4.45 10.94 21.99
CA LEU A 270 -3.55 11.76 21.22
C LEU A 270 -3.60 13.19 21.75
N ALA A 271 -4.81 13.71 21.95
CA ALA A 271 -4.97 15.07 22.49
C ALA A 271 -4.24 15.19 23.81
N LYS A 272 -4.42 14.21 24.68
CA LYS A 272 -3.82 14.25 26.01
C LYS A 272 -2.30 14.16 25.92
N LEU A 273 -1.79 13.45 24.91
CA LEU A 273 -0.34 13.41 24.69
C LEU A 273 0.17 14.79 24.29
N ALA A 274 -0.67 15.55 23.58
CA ALA A 274 -0.26 16.85 23.06
C ALA A 274 -0.55 18.00 24.03
N GLY A 275 -0.96 17.66 25.25
CA GLY A 275 -1.19 18.66 26.29
C GLY A 275 -2.62 19.14 26.51
N TYR A 276 -3.59 18.40 25.98
CA TYR A 276 -4.99 18.76 26.17
C TYR A 276 -5.42 18.67 27.62
N LYS A 277 -6.08 19.73 28.08
CA LYS A 277 -6.55 19.78 29.46
C LYS A 277 -8.05 19.93 29.45
N GLY A 278 -8.74 18.92 29.96
CA GLY A 278 -10.20 18.91 29.95
C GLY A 278 -10.68 17.48 29.99
N GLU A 279 -11.92 17.27 29.55
CA GLU A 279 -12.58 15.97 29.65
C GLU A 279 -12.63 15.22 28.32
N ASP A 280 -12.90 13.92 28.38
CA ASP A 280 -13.05 13.14 27.15
C ASP A 280 -14.41 13.38 26.53
N ASN A 281 -14.43 14.37 25.66
CA ASN A 281 -15.60 14.81 24.96
C ASN A 281 -15.19 15.07 23.50
N ASP A 282 -15.89 14.45 22.56
CA ASP A 282 -15.50 14.49 21.14
C ASP A 282 -15.37 15.94 20.63
N LYS A 283 -16.30 16.81 21.01
CA LYS A 283 -16.25 18.20 20.56
C LYS A 283 -15.01 18.92 21.08
N ASP A 284 -14.74 18.78 22.38
CA ASP A 284 -13.62 19.48 22.99
C ASP A 284 -12.28 18.91 22.54
N VAL A 285 -12.26 17.60 22.28
CA VAL A 285 -11.05 16.94 21.83
C VAL A 285 -10.74 17.38 20.40
N LEU A 286 -11.77 17.41 19.56
CA LEU A 286 -11.61 17.91 18.19
C LEU A 286 -11.09 19.34 18.17
N GLU A 287 -11.69 20.22 18.96
CA GLU A 287 -11.27 21.63 18.95
C GLU A 287 -9.79 21.79 19.25
N PHE A 288 -9.31 21.09 20.28
CA PHE A 288 -7.88 21.05 20.60
C PHE A 288 -7.04 20.50 19.44
N LEU A 289 -7.47 19.36 18.89
CA LEU A 289 -6.74 18.76 17.77
C LEU A 289 -6.73 19.65 16.52
N MET A 290 -7.76 20.47 16.34
CA MET A 290 -7.85 21.36 15.19
C MET A 290 -6.82 22.49 15.25
N LYS A 291 -6.42 22.86 16.46
CA LYS A 291 -5.48 23.96 16.60
C LYS A 291 -4.04 23.52 16.79
N ALA A 292 -3.81 22.22 17.03
CA ALA A 292 -2.45 21.73 17.29
C ALA A 292 -1.55 21.89 16.08
N LYS A 293 -0.24 22.04 16.30
CA LYS A 293 0.69 22.00 15.18
C LYS A 293 0.65 20.59 14.62
N PRO A 294 0.56 20.47 13.29
CA PRO A 294 0.42 19.11 12.74
C PRO A 294 1.64 18.24 13.01
N GLN A 295 2.83 18.83 13.04
CA GLN A 295 4.02 18.04 13.34
C GLN A 295 4.03 17.50 14.78
N ASP A 296 3.38 18.21 15.71
CA ASP A 296 3.28 17.73 17.09
C ASP A 296 2.41 16.48 17.18
N LEU A 297 1.28 16.51 16.49
CA LEU A 297 0.38 15.36 16.49
C LEU A 297 1.03 14.13 15.85
N ILE A 298 1.63 14.30 14.69
CA ILE A 298 2.25 13.19 13.99
C ILE A 298 3.42 12.57 14.78
N LYS A 299 4.21 13.39 15.45
CA LYS A 299 5.34 12.86 16.22
C LYS A 299 4.89 12.07 17.45
N LEU A 300 3.78 12.49 18.05
CA LEU A 300 3.30 11.81 19.25
C LEU A 300 2.47 10.57 18.93
N GLU A 301 2.21 10.35 17.65
CA GLU A 301 1.36 9.24 17.26
C GLU A 301 1.94 7.92 17.70
N GLU A 302 3.28 7.82 17.69
CA GLU A 302 3.97 6.61 18.10
C GLU A 302 3.65 6.18 19.54
N LYS A 303 3.19 7.12 20.35
CA LYS A 303 2.95 6.82 21.76
C LYS A 303 1.50 6.49 22.09
N VAL A 304 0.64 6.53 21.09
CA VAL A 304 -0.81 6.43 21.33
C VAL A 304 -1.26 5.02 21.75
N LEU A 305 -0.79 3.99 21.05
CA LEU A 305 -1.20 2.62 21.41
C LEU A 305 -0.82 2.22 22.82
N THR A 306 -1.73 1.52 23.49
CA THR A 306 -1.43 1.03 24.85
C THR A 306 -0.54 -0.19 24.77
N LEU A 307 0.07 -0.53 25.90
CA LEU A 307 0.83 -1.76 26.00
C LEU A 307 -0.06 -2.94 25.60
N GLU A 308 -1.31 -2.88 26.03
CA GLU A 308 -2.25 -3.96 25.72
C GLU A 308 -2.54 -4.04 24.22
N GLU A 309 -2.66 -2.88 23.58
CA GLU A 309 -2.97 -2.87 22.15
C GLU A 309 -1.80 -3.43 21.35
N ARG A 310 -0.59 -3.04 21.73
CA ARG A 310 0.61 -3.55 21.07
C ARG A 310 0.71 -5.05 21.23
N THR A 311 0.41 -5.53 22.45
CA THR A 311 0.47 -6.95 22.75
C THR A 311 -0.48 -7.75 21.85
N ASN A 312 -1.65 -7.17 21.62
CA ASN A 312 -2.68 -7.77 20.78
C ASN A 312 -2.47 -7.49 19.29
N LYS A 313 -1.27 -7.02 18.96
CA LYS A 313 -0.82 -6.83 17.58
C LYS A 313 -1.56 -5.74 16.83
N VAL A 314 -2.08 -4.73 17.53
CA VAL A 314 -2.54 -3.54 16.84
C VAL A 314 -1.30 -2.82 16.41
N MET A 315 -1.18 -2.59 15.11
N MET A 315 -1.15 -2.61 15.12
CA MET A 315 0.06 -2.08 14.56
CA MET A 315 0.10 -2.06 14.60
C MET A 315 0.11 -0.55 14.56
C MET A 315 0.12 -0.54 14.53
N PHE A 316 -1.00 0.08 14.22
CA PHE A 316 -1.07 1.52 14.10
C PHE A 316 -2.26 2.08 14.88
N PRO A 317 -2.07 3.21 15.58
CA PRO A 317 -3.18 3.81 16.34
C PRO A 317 -4.29 4.34 15.46
N PHE A 318 -3.94 4.90 14.31
CA PHE A 318 -4.93 5.44 13.39
C PHE A 318 -4.75 4.82 12.00
N GLY A 319 -5.87 4.35 11.45
CA GLY A 319 -5.87 3.77 10.11
C GLY A 319 -7.31 3.68 9.67
N PRO A 320 -7.57 3.04 8.52
CA PRO A 320 -8.94 2.79 8.08
C PRO A 320 -9.82 2.19 9.18
N THR A 321 -11.08 2.61 9.23
CA THR A 321 -11.99 2.24 10.30
C THR A 321 -13.41 2.05 9.76
N VAL A 322 -14.22 1.28 10.47
CA VAL A 322 -15.64 1.26 10.20
C VAL A 322 -16.26 2.56 10.72
N GLU A 323 -16.78 3.39 9.83
CA GLU A 323 -17.31 4.69 10.19
C GLU A 323 -18.56 4.54 11.04
N PRO A 324 -18.64 5.29 12.16
CA PRO A 324 -19.69 5.10 13.18
C PRO A 324 -21.07 5.58 12.71
N TYR A 325 -21.11 6.34 11.62
CA TYR A 325 -22.38 6.80 11.06
C TYR A 325 -22.18 7.12 9.59
N GLN A 326 -23.27 7.18 8.84
CA GLN A 326 -23.15 7.42 7.39
C GLN A 326 -23.18 8.90 7.03
N THR A 327 -22.40 9.24 6.01
CA THR A 327 -22.34 10.59 5.47
C THR A 327 -22.26 10.49 3.96
N ALA A 328 -22.35 11.62 3.28
CA ALA A 328 -22.32 11.64 1.81
C ALA A 328 -21.10 10.92 1.23
N ASP A 329 -19.93 11.14 1.83
CA ASP A 329 -18.69 10.56 1.30
C ASP A 329 -18.19 9.32 2.04
N CYS A 330 -19.03 8.74 2.89
CA CYS A 330 -18.68 7.53 3.63
C CYS A 330 -18.04 6.46 2.73
N VAL A 331 -16.92 5.89 3.17
CA VAL A 331 -16.26 4.89 2.32
C VAL A 331 -16.40 3.48 2.87
N LEU A 332 -16.41 3.35 4.19
CA LEU A 332 -16.49 2.04 4.82
C LEU A 332 -17.60 1.99 5.87
N PRO A 333 -18.82 1.66 5.44
CA PRO A 333 -19.95 1.62 6.37
C PRO A 333 -20.01 0.34 7.22
N LYS A 334 -19.34 -0.71 6.77
CA LYS A 334 -19.30 -1.97 7.50
C LYS A 334 -17.88 -2.51 7.52
N HIS A 335 -17.63 -3.53 8.33
CA HIS A 335 -16.33 -4.18 8.33
C HIS A 335 -16.03 -4.74 6.94
N PRO A 336 -14.75 -4.72 6.54
CA PRO A 336 -14.37 -5.14 5.19
C PRO A 336 -14.90 -6.52 4.80
N ARG A 337 -14.88 -7.49 5.71
CA ARG A 337 -15.43 -8.81 5.43
C ARG A 337 -16.86 -8.71 4.94
N GLU A 338 -17.65 -7.89 5.63
CA GLU A 338 -19.01 -7.59 5.22
C GLU A 338 -19.09 -6.93 3.85
N MET A 339 -18.22 -5.95 3.60
CA MET A 339 -18.27 -5.19 2.34
C MET A 339 -17.97 -6.09 1.13
N VAL A 340 -17.16 -7.12 1.34
CA VAL A 340 -16.87 -8.12 0.32
C VAL A 340 -18.14 -8.76 -0.25
N LYS A 341 -19.17 -8.87 0.59
CA LYS A 341 -20.41 -9.55 0.19
C LYS A 341 -21.08 -8.88 -1.00
N THR A 342 -20.91 -7.57 -1.12
CA THR A 342 -21.61 -6.82 -2.15
C THR A 342 -20.68 -6.00 -3.03
N ALA A 343 -19.38 -6.21 -2.89
CA ALA A 343 -18.41 -5.31 -3.50
C ALA A 343 -18.38 -5.41 -5.02
N TRP A 344 -18.52 -4.27 -5.69
CA TRP A 344 -18.51 -4.18 -7.14
C TRP A 344 -17.21 -4.72 -7.72
N GLY A 345 -16.13 -4.52 -6.96
CA GLY A 345 -14.80 -4.91 -7.38
C GLY A 345 -14.55 -6.41 -7.40
N ASN A 346 -15.44 -7.18 -6.77
CA ASN A 346 -15.37 -8.63 -6.91
C ASN A 346 -15.53 -9.06 -8.36
N SER A 347 -16.04 -8.16 -9.20
CA SER A 347 -16.34 -8.52 -10.58
C SER A 347 -15.48 -7.79 -11.62
N ILE A 348 -14.23 -7.49 -11.26
CA ILE A 348 -13.26 -7.05 -12.25
C ILE A 348 -12.05 -7.96 -12.15
N PRO A 349 -11.30 -8.14 -13.26
CA PRO A 349 -10.08 -8.96 -13.23
C PRO A 349 -9.13 -8.53 -12.11
N THR A 350 -8.63 -9.50 -11.35
CA THR A 350 -7.85 -9.22 -10.15
C THR A 350 -6.57 -10.07 -10.12
N MET A 351 -5.45 -9.46 -9.75
CA MET A 351 -4.22 -10.22 -9.50
C MET A 351 -3.75 -9.91 -8.08
N MET A 352 -3.34 -10.94 -7.34
CA MET A 352 -2.80 -10.78 -5.99
C MET A 352 -1.52 -11.56 -5.85
N GLY A 353 -0.68 -11.16 -4.89
CA GLY A 353 0.52 -11.93 -4.61
C GLY A 353 1.27 -11.44 -3.41
N ASN A 354 2.30 -12.19 -3.06
CA ASN A 354 3.15 -11.87 -1.93
C ASN A 354 4.58 -12.25 -2.26
N THR A 355 5.54 -11.77 -1.48
CA THR A 355 6.92 -12.18 -1.68
C THR A 355 7.16 -13.54 -1.01
N SER A 356 8.33 -14.15 -1.23
CA SER A 356 8.59 -15.50 -0.71
C SER A 356 9.11 -15.53 0.74
N TYR A 357 9.40 -14.36 1.31
CA TYR A 357 9.73 -14.30 2.74
C TYR A 357 9.32 -12.93 3.30
N GLU A 358 8.02 -12.67 3.26
CA GLU A 358 7.46 -11.39 3.68
C GLU A 358 7.96 -10.91 5.03
N GLY A 359 7.91 -11.82 6.00
CA GLY A 359 8.17 -11.48 7.39
C GLY A 359 9.59 -11.08 7.69
N LEU A 360 10.50 -11.24 6.72
CA LEU A 360 11.88 -10.75 6.87
C LEU A 360 11.89 -9.23 7.13
N PHE A 361 10.78 -8.59 6.77
CA PHE A 361 10.54 -7.15 6.96
C PHE A 361 10.61 -6.74 8.42
N PHE A 362 10.39 -7.71 9.30
CA PHE A 362 10.32 -7.40 10.72
C PHE A 362 11.65 -7.63 11.45
N THR A 363 12.72 -7.82 10.68
CA THR A 363 14.06 -8.00 11.21
C THR A 363 14.49 -6.88 12.15
N SER A 364 14.24 -5.63 11.75
CA SER A 364 14.76 -4.51 12.52
C SER A 364 13.99 -4.38 13.83
N ILE A 365 12.70 -4.72 13.78
CA ILE A 365 11.86 -4.65 14.97
C ILE A 365 12.24 -5.73 15.97
N LEU A 366 12.54 -6.92 15.46
CA LEU A 366 12.96 -8.03 16.31
C LEU A 366 14.26 -7.72 17.02
N LYS A 367 15.16 -7.04 16.32
CA LYS A 367 16.47 -6.68 16.84
C LYS A 367 16.37 -5.86 18.12
N GLN A 368 15.46 -4.89 18.10
CA GLN A 368 15.32 -3.98 19.22
C GLN A 368 14.42 -4.57 20.29
N MET A 369 13.65 -5.59 19.92
CA MET A 369 12.74 -6.23 20.87
C MET A 369 12.86 -7.74 20.81
N PRO A 370 14.01 -8.28 21.24
CA PRO A 370 14.32 -9.71 21.09
C PRO A 370 13.31 -10.59 21.78
N LEU A 371 12.72 -10.09 22.87
CA LEU A 371 11.78 -10.87 23.68
C LEU A 371 10.53 -11.28 22.91
N LEU A 372 10.27 -10.59 21.80
CA LEU A 372 9.15 -10.93 20.93
C LEU A 372 9.22 -12.38 20.52
N VAL A 373 10.44 -12.90 20.39
CA VAL A 373 10.59 -14.28 19.96
C VAL A 373 9.92 -15.25 20.95
N LYS A 374 9.91 -14.89 22.22
CA LYS A 374 9.30 -15.75 23.23
C LYS A 374 7.77 -15.78 23.13
N GLU A 375 7.18 -14.87 22.35
CA GLU A 375 5.76 -14.98 22.03
C GLU A 375 5.44 -16.29 21.36
N LEU A 376 6.43 -16.91 20.74
CA LEU A 376 6.15 -18.15 20.03
C LEU A 376 6.12 -19.36 20.97
N GLU A 377 6.44 -19.17 22.24
CA GLU A 377 6.29 -20.26 23.23
C GLU A 377 4.89 -20.90 23.18
N THR A 378 3.86 -20.07 23.02
CA THR A 378 2.47 -20.53 22.95
C THR A 378 1.75 -19.96 21.74
N CYS A 379 2.33 -18.90 21.17
CA CYS A 379 1.78 -18.18 20.01
C CYS A 379 0.40 -17.56 20.27
N VAL A 380 -0.02 -17.46 21.53
CA VAL A 380 -1.38 -16.98 21.78
C VAL A 380 -1.58 -15.54 21.27
N ASN A 381 -0.53 -14.73 21.26
CA ASN A 381 -0.68 -13.34 20.85
C ASN A 381 -0.96 -13.21 19.35
N PHE A 382 -0.68 -14.28 18.60
CA PHE A 382 -0.87 -14.26 17.15
C PHE A 382 -2.20 -14.89 16.72
N VAL A 383 -2.94 -15.44 17.68
CA VAL A 383 -4.28 -15.90 17.37
C VAL A 383 -5.10 -14.70 16.90
N PRO A 384 -5.82 -14.83 15.77
CA PRO A 384 -6.68 -13.75 15.26
C PRO A 384 -7.50 -13.13 16.40
N SER A 385 -7.50 -11.81 16.51
CA SER A 385 -8.05 -11.13 17.68
C SER A 385 -9.53 -11.41 17.90
N GLU A 386 -10.27 -11.65 16.83
CA GLU A 386 -11.68 -11.94 16.96
C GLU A 386 -11.94 -13.29 17.66
N LEU A 387 -10.97 -14.22 17.62
CA LEU A 387 -11.09 -15.52 18.29
C LEU A 387 -10.50 -15.54 19.70
N ALA A 388 -9.55 -14.64 19.93
CA ALA A 388 -8.79 -14.59 21.18
C ALA A 388 -9.56 -13.94 22.30
N ASP A 389 -9.35 -14.42 23.53
CA ASP A 389 -9.95 -13.77 24.69
C ASP A 389 -9.05 -12.62 25.09
N ALA A 390 -9.57 -11.73 25.93
CA ALA A 390 -8.87 -10.46 26.19
C ALA A 390 -7.48 -10.66 26.77
N GLU A 391 -7.32 -11.60 27.69
CA GLU A 391 -6.02 -11.82 28.33
C GLU A 391 -5.19 -12.85 27.60
N ARG A 392 -5.80 -13.46 26.59
CA ARG A 392 -5.24 -14.58 25.84
C ARG A 392 -4.78 -15.71 26.78
N THR A 393 -5.63 -16.00 27.75
CA THR A 393 -5.37 -17.03 28.76
C THR A 393 -6.38 -18.18 28.70
N ALA A 394 -7.45 -18.02 27.93
CA ALA A 394 -8.45 -19.09 27.81
C ALA A 394 -7.82 -20.35 27.24
N PRO A 395 -8.24 -21.53 27.75
CA PRO A 395 -7.70 -22.76 27.16
C PRO A 395 -7.99 -22.85 25.66
N GLU A 396 -9.10 -22.29 25.21
CA GLU A 396 -9.39 -22.31 23.78
C GLU A 396 -8.34 -21.52 23.01
N THR A 397 -7.88 -20.42 23.59
CA THR A 397 -6.86 -19.59 22.93
C THR A 397 -5.49 -20.27 22.92
N LEU A 398 -5.19 -20.99 24.01
CA LEU A 398 -3.98 -21.81 24.07
C LEU A 398 -4.01 -22.90 22.97
N GLU A 399 -5.19 -23.48 22.73
CA GLU A 399 -5.35 -24.50 21.70
C GLU A 399 -5.12 -23.93 20.30
N MET A 400 -5.69 -22.75 20.06
CA MET A 400 -5.53 -22.08 18.77
C MET A 400 -4.09 -21.68 18.54
N GLY A 401 -3.46 -21.13 19.57
CA GLY A 401 -2.05 -20.81 19.51
C GLY A 401 -1.17 -22.03 19.22
N ALA A 402 -1.58 -23.20 19.71
CA ALA A 402 -0.81 -24.41 19.48
C ALA A 402 -0.82 -24.80 18.01
N LYS A 403 -1.91 -24.48 17.34
CA LYS A 403 -1.99 -24.73 15.91
C LYS A 403 -0.99 -23.87 15.12
N ILE A 404 -0.90 -22.60 15.48
CA ILE A 404 0.09 -21.69 14.92
C ILE A 404 1.50 -22.16 15.22
N LYS A 405 1.71 -22.58 16.46
CA LYS A 405 3.02 -23.01 16.90
C LYS A 405 3.49 -24.22 16.08
N LYS A 406 2.57 -25.15 15.85
CA LYS A 406 2.83 -26.35 15.05
C LYS A 406 3.19 -25.97 13.62
N ALA A 407 2.72 -24.82 13.17
CA ALA A 407 2.93 -24.42 11.78
C ALA A 407 4.29 -23.76 11.56
N HIS A 408 4.84 -23.11 12.60
CA HIS A 408 6.04 -22.30 12.39
C HIS A 408 7.23 -22.61 13.28
N VAL A 409 7.01 -23.22 14.45
CA VAL A 409 8.14 -23.51 15.32
C VAL A 409 8.75 -24.86 14.97
N THR A 410 10.02 -24.82 14.56
CA THR A 410 10.68 -25.96 13.94
C THR A 410 11.52 -26.78 14.93
N GLY A 411 11.99 -26.13 15.98
CA GLY A 411 12.70 -26.82 17.05
C GLY A 411 11.90 -26.83 18.34
N GLU A 412 12.57 -27.07 19.46
CA GLU A 412 11.88 -27.10 20.74
C GLU A 412 11.81 -25.67 21.30
N THR A 413 12.73 -24.84 20.84
CA THR A 413 12.70 -23.42 21.17
C THR A 413 12.53 -22.61 19.89
N PRO A 414 11.58 -21.66 19.90
CA PRO A 414 11.38 -20.76 18.76
C PRO A 414 12.61 -19.92 18.43
N THR A 415 12.79 -19.65 17.14
CA THR A 415 13.91 -18.83 16.69
C THR A 415 13.42 -17.53 16.07
N ALA A 416 14.34 -16.64 15.75
CA ALA A 416 13.96 -15.40 15.10
C ALA A 416 13.37 -15.65 13.71
N ASP A 417 13.85 -16.68 13.03
CA ASP A 417 13.32 -16.98 11.72
C ASP A 417 11.94 -17.62 11.81
N ASN A 418 11.68 -18.35 12.90
CA ASN A 418 10.34 -18.90 13.09
C ASN A 418 9.36 -17.73 13.24
N PHE A 419 9.79 -16.71 13.98
CA PHE A 419 8.99 -15.51 14.22
C PHE A 419 8.65 -14.84 12.90
N MET A 420 9.68 -14.60 12.10
CA MET A 420 9.45 -13.90 10.84
C MET A 420 8.65 -14.75 9.86
N ASP A 421 8.85 -16.07 9.87
CA ASP A 421 8.03 -16.94 9.04
C ASP A 421 6.57 -16.85 9.46
N LEU A 422 6.34 -16.83 10.77
CA LEU A 422 4.99 -16.72 11.29
C LEU A 422 4.37 -15.42 10.80
N CYS A 423 5.15 -14.33 10.87
CA CYS A 423 4.69 -13.00 10.47
C CYS A 423 4.22 -13.00 9.01
N SER A 424 4.93 -13.74 8.15
CA SER A 424 4.54 -13.81 6.75
C SER A 424 3.08 -14.19 6.64
N HIS A 425 2.66 -15.11 7.49
CA HIS A 425 1.30 -15.62 7.42
C HIS A 425 0.27 -14.76 8.14
N PHE A 426 0.61 -14.31 9.36
CA PHE A 426 -0.30 -13.53 10.17
C PHE A 426 -0.65 -12.25 9.44
N TYR A 427 0.37 -11.66 8.83
CA TYR A 427 0.16 -10.34 8.25
C TYR A 427 -0.21 -10.40 6.78
N PHE A 428 0.14 -11.46 6.07
CA PHE A 428 -0.09 -11.47 4.61
C PHE A 428 -0.77 -12.69 4.01
N TRP A 429 -0.21 -13.88 4.20
CA TRP A 429 -0.75 -15.05 3.50
C TRP A 429 -2.12 -15.46 4.01
N PHE A 430 -2.34 -15.44 5.32
CA PHE A 430 -3.63 -15.89 5.83
C PHE A 430 -4.77 -14.92 5.46
N PRO A 431 -4.56 -13.60 5.63
CA PRO A 431 -5.63 -12.69 5.18
C PRO A 431 -5.94 -12.84 3.70
N MET A 432 -4.94 -13.14 2.87
CA MET A 432 -5.15 -13.37 1.44
C MET A 432 -6.07 -14.58 1.25
N HIS A 433 -5.80 -15.64 2.01
CA HIS A 433 -6.61 -16.86 1.92
C HIS A 433 -8.06 -16.57 2.29
N ARG A 434 -8.26 -15.88 3.41
CA ARG A 434 -9.59 -15.54 3.84
C ARG A 434 -10.32 -14.72 2.79
N LEU A 435 -9.61 -13.79 2.17
CA LEU A 435 -10.20 -12.94 1.16
C LEU A 435 -10.65 -13.78 -0.04
N LEU A 436 -9.77 -14.64 -0.54
CA LEU A 436 -10.11 -15.42 -1.70
C LEU A 436 -11.37 -16.26 -1.45
N GLN A 437 -11.39 -16.94 -0.32
CA GLN A 437 -12.51 -17.82 0.01
C GLN A 437 -13.82 -17.03 0.19
N LEU A 438 -13.74 -15.89 0.85
CA LEU A 438 -14.91 -15.03 1.02
C LEU A 438 -15.44 -14.53 -0.33
N ARG A 439 -14.51 -14.03 -1.15
CA ARG A 439 -14.86 -13.46 -2.45
C ARG A 439 -15.52 -14.48 -3.37
N PHE A 440 -15.06 -15.74 -3.32
CA PHE A 440 -15.60 -16.79 -4.16
C PHE A 440 -17.10 -16.97 -3.97
N ASN A 441 -17.59 -16.66 -2.78
CA ASN A 441 -19.03 -16.76 -2.51
C ASN A 441 -19.84 -15.55 -2.97
N HIS A 442 -19.18 -14.57 -3.59
CA HIS A 442 -19.86 -13.34 -3.97
C HIS A 442 -19.29 -12.77 -5.26
N THR A 443 -19.13 -13.58 -6.29
CA THR A 443 -18.53 -13.03 -7.49
C THR A 443 -19.23 -13.49 -8.76
N SER A 444 -19.21 -12.63 -9.77
CA SER A 444 -19.81 -12.91 -11.06
C SER A 444 -19.04 -14.02 -11.78
N GLY A 445 -17.78 -14.17 -11.42
CA GLY A 445 -16.93 -15.19 -12.01
C GLY A 445 -15.71 -14.63 -12.73
N THR A 446 -15.40 -13.37 -12.51
CA THR A 446 -14.17 -12.79 -13.04
C THR A 446 -12.94 -13.44 -12.42
N PRO A 447 -11.87 -13.60 -13.22
CA PRO A 447 -10.68 -14.32 -12.75
C PRO A 447 -9.83 -13.58 -11.72
N VAL A 448 -9.26 -14.34 -10.78
CA VAL A 448 -8.22 -13.82 -9.91
C VAL A 448 -6.93 -14.67 -10.07
N TYR A 449 -5.83 -14.01 -10.42
CA TYR A 449 -4.52 -14.65 -10.58
C TYR A 449 -3.57 -14.39 -9.41
N LEU A 450 -2.83 -15.42 -9.00
CA LEU A 450 -1.84 -15.28 -7.93
C LEU A 450 -0.41 -15.33 -8.46
N TYR A 451 0.42 -14.41 -7.97
CA TYR A 451 1.87 -14.49 -8.15
C TYR A 451 2.60 -14.63 -6.82
N ARG A 452 3.84 -15.07 -6.89
CA ARG A 452 4.70 -15.15 -5.73
C ARG A 452 6.04 -14.57 -6.15
N PHE A 453 6.41 -13.44 -5.56
CA PHE A 453 7.66 -12.81 -5.95
C PHE A 453 8.83 -13.40 -5.17
N ASP A 454 9.73 -14.03 -5.91
CA ASP A 454 10.79 -14.85 -5.35
C ASP A 454 12.13 -14.55 -6.01
N PHE A 455 12.36 -13.28 -6.33
CA PHE A 455 13.62 -12.85 -6.92
C PHE A 455 14.46 -12.06 -5.93
N ASP A 456 15.64 -12.58 -5.65
CA ASP A 456 16.51 -12.08 -4.60
C ASP A 456 17.81 -11.52 -5.17
N SER A 457 18.08 -10.25 -4.86
CA SER A 457 19.31 -9.58 -5.24
C SER A 457 19.59 -8.41 -4.31
N GLU A 458 20.86 -8.08 -4.13
CA GLU A 458 21.20 -6.85 -3.46
C GLU A 458 22.11 -5.97 -4.33
N ASP A 459 22.09 -6.22 -5.63
CA ASP A 459 22.81 -5.40 -6.58
C ASP A 459 21.97 -4.19 -6.94
N LEU A 460 20.68 -4.30 -6.70
CA LEU A 460 19.75 -3.20 -6.90
C LEU A 460 18.77 -3.25 -5.75
N ILE A 461 18.63 -2.14 -5.02
CA ILE A 461 17.75 -2.12 -3.85
C ILE A 461 16.85 -0.90 -3.79
N ASN A 462 15.97 -0.86 -2.78
CA ASN A 462 15.19 0.34 -2.52
C ASN A 462 15.35 0.72 -1.05
N PRO A 463 14.99 1.98 -0.68
CA PRO A 463 15.25 2.46 0.68
C PRO A 463 14.62 1.67 1.80
N TYR A 464 13.60 0.86 1.52
CA TYR A 464 13.01 0.03 2.58
C TYR A 464 13.99 -1.00 3.14
N ARG A 465 14.96 -1.40 2.32
CA ARG A 465 15.99 -2.31 2.82
C ARG A 465 16.75 -1.68 3.98
N ILE A 466 16.91 -0.36 3.93
CA ILE A 466 17.56 0.40 5.00
C ILE A 466 16.71 0.41 6.27
N MET A 467 15.40 0.55 6.08
CA MET A 467 14.43 0.62 7.18
C MET A 467 14.22 -0.73 7.87
N ARG A 468 14.38 -1.82 7.11
CA ARG A 468 14.23 -3.15 7.68
C ARG A 468 15.57 -3.73 8.11
N SER A 469 16.63 -2.93 8.00
CA SER A 469 18.00 -3.33 8.32
C SER A 469 18.44 -4.60 7.59
N GLY A 470 18.05 -4.72 6.32
CA GLY A 470 18.31 -5.93 5.56
C GLY A 470 19.50 -5.85 4.61
N ARG A 471 20.50 -5.04 4.96
CA ARG A 471 21.74 -5.05 4.19
C ARG A 471 22.50 -6.34 4.45
N GLY A 472 22.80 -7.08 3.39
CA GLY A 472 23.48 -8.36 3.50
C GLY A 472 22.59 -9.50 3.97
N VAL A 473 21.28 -9.27 4.00
CA VAL A 473 20.32 -10.25 4.50
C VAL A 473 19.61 -11.00 3.36
N LYS A 474 19.62 -12.33 3.42
CA LYS A 474 19.08 -13.16 2.34
C LYS A 474 17.60 -13.48 2.51
N GLY A 475 16.90 -13.62 1.37
CA GLY A 475 15.46 -13.83 1.36
C GLY A 475 14.75 -12.67 0.69
N VAL A 476 13.50 -12.88 0.28
CA VAL A 476 12.77 -11.84 -0.44
C VAL A 476 11.69 -11.24 0.44
N SER A 477 12.05 -10.11 1.05
CA SER A 477 11.23 -9.43 2.05
C SER A 477 10.06 -8.68 1.43
N HIS A 478 9.00 -8.50 2.21
CA HIS A 478 8.01 -7.46 1.98
C HIS A 478 8.73 -6.20 1.46
N THR A 479 8.22 -5.65 0.35
CA THR A 479 8.74 -4.46 -0.39
C THR A 479 9.93 -4.67 -1.32
N ASP A 480 10.55 -5.85 -1.30
CA ASP A 480 11.71 -6.06 -2.17
C ASP A 480 11.36 -6.00 -3.66
N GLU A 481 10.10 -6.25 -3.99
CA GLU A 481 9.67 -6.24 -5.39
C GLU A 481 9.59 -4.81 -5.96
N LEU A 482 9.41 -3.81 -5.09
CA LEU A 482 9.26 -2.42 -5.54
C LEU A 482 10.43 -1.97 -6.42
N THR A 483 11.60 -2.48 -6.08
CA THR A 483 12.86 -2.20 -6.78
C THR A 483 12.75 -2.45 -8.30
N TYR A 484 11.90 -3.38 -8.72
CA TYR A 484 11.83 -3.78 -10.13
C TYR A 484 10.61 -3.18 -10.85
N PHE A 485 9.91 -2.30 -10.14
CA PHE A 485 8.80 -1.53 -10.68
C PHE A 485 9.08 -0.02 -10.78
N PHE A 486 9.78 0.52 -9.78
CA PHE A 486 10.01 1.95 -9.68
C PHE A 486 11.47 2.29 -9.52
N TRP A 487 11.87 3.42 -10.13
CA TRP A 487 13.16 4.00 -9.86
C TRP A 487 13.14 4.58 -8.46
N ASN A 488 14.27 4.51 -7.76
CA ASN A 488 14.41 5.22 -6.51
C ASN A 488 15.82 5.78 -6.44
N GLN A 489 16.07 6.70 -5.52
CA GLN A 489 17.35 7.39 -5.50
C GLN A 489 18.54 6.49 -5.14
N LEU A 490 18.28 5.27 -4.68
CA LEU A 490 19.35 4.31 -4.41
C LEU A 490 19.67 3.41 -5.60
N ALA A 491 18.87 3.51 -6.66
CA ALA A 491 19.04 2.66 -7.83
C ALA A 491 20.22 3.11 -8.70
N LYS A 492 20.47 2.35 -9.76
CA LYS A 492 21.52 2.70 -10.73
C LYS A 492 21.17 2.08 -12.07
N ARG A 493 21.84 2.50 -13.13
CA ARG A 493 21.66 1.85 -14.41
C ARG A 493 22.25 0.44 -14.38
N MET A 494 21.42 -0.56 -14.69
CA MET A 494 21.86 -1.95 -14.72
C MET A 494 22.14 -2.40 -16.15
N PRO A 495 23.13 -3.31 -16.31
CA PRO A 495 23.39 -3.90 -17.63
C PRO A 495 22.16 -4.55 -18.19
N LYS A 496 21.93 -4.39 -19.49
CA LYS A 496 20.74 -4.93 -20.14
C LYS A 496 20.61 -6.44 -20.01
N GLU A 497 21.74 -7.12 -19.75
CA GLU A 497 21.75 -8.58 -19.69
C GLU A 497 21.61 -9.11 -18.26
N SER A 498 21.69 -8.20 -17.28
CA SER A 498 21.65 -8.61 -15.89
C SER A 498 20.29 -9.18 -15.50
N ARG A 499 20.32 -10.07 -14.52
CA ARG A 499 19.11 -10.66 -13.99
C ARG A 499 18.18 -9.58 -13.39
N GLU A 500 18.75 -8.52 -12.84
CA GLU A 500 17.92 -7.43 -12.29
C GLU A 500 17.20 -6.70 -13.41
N TYR A 501 17.92 -6.40 -14.49
CA TYR A 501 17.28 -5.71 -15.60
C TYR A 501 16.20 -6.58 -16.22
N LYS A 502 16.50 -7.86 -16.39
CA LYS A 502 15.50 -8.80 -16.92
C LYS A 502 14.26 -8.83 -16.05
N THR A 503 14.45 -8.73 -14.74
CA THR A 503 13.32 -8.82 -13.81
C THR A 503 12.47 -7.55 -13.90
N ILE A 504 13.13 -6.40 -14.04
CA ILE A 504 12.42 -5.14 -14.32
C ILE A 504 11.50 -5.29 -15.54
N GLU A 505 12.04 -5.78 -16.66
CA GLU A 505 11.25 -5.92 -17.87
C GLU A 505 10.11 -6.90 -17.66
N ARG A 506 10.37 -7.98 -16.93
CA ARG A 506 9.36 -9.00 -16.64
C ARG A 506 8.22 -8.43 -15.79
N MET A 507 8.59 -7.73 -14.73
CA MET A 507 7.58 -7.22 -13.80
C MET A 507 6.74 -6.11 -14.44
N THR A 508 7.38 -5.11 -15.04
CA THR A 508 6.63 -4.07 -15.75
C THR A 508 5.84 -4.68 -16.94
N GLY A 509 6.41 -5.69 -17.59
CA GLY A 509 5.72 -6.38 -18.67
C GLY A 509 4.45 -7.07 -18.23
N ILE A 510 4.54 -7.91 -17.19
CA ILE A 510 3.36 -8.61 -16.72
C ILE A 510 2.32 -7.64 -16.18
N TRP A 511 2.76 -6.66 -15.40
CA TRP A 511 1.82 -5.66 -14.90
C TRP A 511 1.15 -4.88 -16.04
N THR A 512 1.91 -4.51 -17.06
CA THR A 512 1.31 -3.83 -18.21
C THR A 512 0.41 -4.79 -19.03
N GLN A 513 0.79 -6.05 -19.16
CA GLN A 513 -0.06 -7.01 -19.87
C GLN A 513 -1.39 -7.18 -19.14
N PHE A 514 -1.33 -7.36 -17.82
CA PHE A 514 -2.55 -7.54 -17.05
C PHE A 514 -3.44 -6.30 -17.11
N ALA A 515 -2.83 -5.12 -17.03
CA ALA A 515 -3.59 -3.88 -17.06
C ALA A 515 -4.32 -3.72 -18.39
N THR A 516 -3.65 -4.08 -19.48
CA THR A 516 -4.23 -4.02 -20.81
C THR A 516 -5.40 -4.99 -21.03
N THR A 517 -5.20 -6.27 -20.69
CA THR A 517 -6.15 -7.31 -21.08
C THR A 517 -6.92 -8.01 -19.96
N GLY A 518 -6.51 -7.82 -18.72
CA GLY A 518 -7.14 -8.51 -17.61
C GLY A 518 -6.61 -9.92 -17.47
N ASN A 519 -5.53 -10.19 -18.20
CA ASN A 519 -4.87 -11.50 -18.19
C ASN A 519 -3.36 -11.25 -18.17
N PRO A 520 -2.66 -11.78 -17.16
CA PRO A 520 -1.25 -11.41 -16.99
C PRO A 520 -0.29 -12.21 -17.86
N TYR A 521 -0.81 -13.18 -18.62
CA TYR A 521 0.05 -13.97 -19.48
C TYR A 521 0.27 -13.29 -20.82
N SER A 522 1.52 -13.29 -21.25
CA SER A 522 1.86 -12.93 -22.61
C SER A 522 3.07 -13.71 -23.10
N ASN A 523 2.99 -14.24 -24.32
CA ASN A 523 4.11 -14.92 -24.94
C ASN A 523 5.32 -14.01 -25.20
N GLU A 524 5.08 -12.70 -25.15
CA GLU A 524 6.12 -11.71 -25.47
C GLU A 524 7.02 -11.40 -24.28
N ILE A 525 6.75 -12.02 -23.13
CA ILE A 525 7.57 -11.80 -21.93
C ILE A 525 8.57 -12.93 -21.76
N GLU A 526 9.84 -12.57 -21.69
CA GLU A 526 10.93 -13.54 -21.60
C GLU A 526 10.81 -14.44 -20.37
N GLY A 527 10.88 -15.75 -20.60
CA GLY A 527 10.85 -16.71 -19.51
C GLY A 527 9.49 -17.33 -19.30
N MET A 528 8.48 -16.81 -20.00
CA MET A 528 7.12 -17.24 -19.75
C MET A 528 6.61 -18.17 -20.87
N GLU A 529 7.54 -18.69 -21.67
CA GLU A 529 7.24 -19.54 -22.83
C GLU A 529 6.46 -20.81 -22.46
N ASN A 530 6.88 -21.46 -21.37
CA ASN A 530 6.25 -22.71 -20.92
C ASN A 530 5.28 -22.47 -19.76
N VAL A 531 4.88 -21.22 -19.57
CA VAL A 531 4.00 -20.88 -18.47
C VAL A 531 2.54 -20.98 -18.89
N SER A 532 1.74 -21.69 -18.09
N SER A 532 1.74 -21.69 -18.08
CA SER A 532 0.29 -21.73 -18.26
CA SER A 532 0.29 -21.74 -18.25
C SER A 532 -0.38 -21.16 -17.01
C SER A 532 -0.38 -21.16 -17.01
N TRP A 533 -0.56 -19.85 -16.99
CA TRP A 533 -1.02 -19.15 -15.77
C TRP A 533 -2.54 -19.13 -15.61
N ASP A 534 -3.08 -20.15 -14.95
CA ASP A 534 -4.52 -20.20 -14.74
C ASP A 534 -4.92 -19.43 -13.48
N PRO A 535 -6.12 -18.86 -13.48
CA PRO A 535 -6.62 -18.22 -12.26
C PRO A 535 -7.06 -19.25 -11.23
N ILE A 536 -7.35 -18.80 -10.02
CA ILE A 536 -7.86 -19.66 -8.95
C ILE A 536 -9.35 -19.91 -9.09
N GLU A 537 -9.75 -21.16 -8.90
CA GLU A 537 -11.17 -21.51 -8.90
C GLU A 537 -11.64 -21.87 -7.50
N LYS A 538 -12.93 -21.64 -7.23
CA LYS A 538 -13.52 -21.91 -5.94
C LYS A 538 -13.31 -23.36 -5.51
N SER A 539 -13.26 -24.26 -6.50
CA SER A 539 -13.15 -25.67 -6.21
C SER A 539 -11.71 -26.09 -5.88
N ASP A 540 -10.73 -25.22 -6.16
CA ASP A 540 -9.33 -25.56 -5.88
C ASP A 540 -9.10 -25.72 -4.40
N GLU A 541 -8.49 -26.84 -4.03
CA GLU A 541 -8.06 -27.04 -2.64
C GLU A 541 -6.65 -26.52 -2.50
N VAL A 542 -5.94 -26.41 -3.61
CA VAL A 542 -4.58 -25.93 -3.59
C VAL A 542 -4.40 -24.77 -4.58
N TYR A 543 -3.89 -23.65 -4.09
CA TYR A 543 -3.64 -22.49 -4.94
C TYR A 543 -2.42 -22.66 -5.85
N LYS A 544 -2.57 -22.31 -7.13
CA LYS A 544 -1.43 -22.23 -8.04
C LYS A 544 -1.02 -20.77 -8.18
N CYS A 545 0.29 -20.54 -8.32
CA CYS A 545 0.82 -19.20 -8.51
C CYS A 545 1.97 -19.19 -9.50
N LEU A 546 2.21 -18.05 -10.13
CA LEU A 546 3.41 -17.89 -10.92
C LEU A 546 4.51 -17.50 -9.95
N ASN A 547 5.45 -18.42 -9.72
CA ASN A 547 6.61 -18.09 -8.91
C ASN A 547 7.58 -17.32 -9.79
N ILE A 548 7.83 -16.07 -9.41
CA ILE A 548 8.70 -15.18 -10.17
C ILE A 548 10.11 -15.19 -9.58
N SER A 549 11.02 -15.91 -10.23
CA SER A 549 12.40 -15.90 -9.78
C SER A 549 13.33 -15.65 -10.96
N ASP A 550 14.51 -16.25 -10.93
CA ASP A 550 15.35 -16.21 -12.12
C ASP A 550 14.63 -16.94 -13.25
N GLU A 551 13.99 -18.06 -12.93
CA GLU A 551 13.00 -18.68 -13.81
C GLU A 551 11.58 -18.30 -13.37
N LEU A 552 10.68 -18.24 -14.36
CA LEU A 552 9.26 -18.06 -14.12
C LEU A 552 8.59 -19.43 -14.20
N LYS A 553 8.04 -19.89 -13.09
CA LYS A 553 7.51 -21.24 -13.03
C LYS A 553 6.18 -21.25 -12.29
N MET A 554 5.18 -21.89 -12.88
CA MET A 554 3.92 -22.13 -12.17
C MET A 554 4.11 -23.24 -11.15
N ILE A 555 3.80 -22.94 -9.88
CA ILE A 555 3.87 -23.94 -8.83
C ILE A 555 2.66 -23.87 -7.90
N ASP A 556 2.43 -24.93 -7.13
CA ASP A 556 1.50 -24.84 -6.02
C ASP A 556 2.11 -23.91 -4.97
N VAL A 557 1.30 -23.05 -4.38
CA VAL A 557 1.77 -22.11 -3.36
C VAL A 557 2.43 -22.91 -2.24
N PRO A 558 3.74 -22.72 -2.04
CA PRO A 558 4.43 -23.46 -0.97
C PRO A 558 3.81 -23.19 0.41
N GLU A 559 3.20 -22.03 0.57
CA GLU A 559 2.62 -21.63 1.85
C GLU A 559 1.28 -22.31 2.17
N MET A 560 0.79 -23.15 1.25
CA MET A 560 -0.55 -23.72 1.39
C MET A 560 -0.78 -24.53 2.68
N GLY A 561 0.17 -25.40 3.02
CA GLY A 561 0.06 -26.22 4.22
C GLY A 561 -0.12 -25.38 5.49
N LYS A 562 0.72 -24.35 5.61
CA LYS A 562 0.62 -23.44 6.77
C LYS A 562 -0.70 -22.67 6.75
N ILE A 563 -1.11 -22.22 5.56
CA ILE A 563 -2.38 -21.53 5.42
C ILE A 563 -3.55 -22.37 5.94
N LYS A 564 -3.58 -23.65 5.58
CA LYS A 564 -4.65 -24.52 6.03
C LYS A 564 -4.63 -24.72 7.55
N GLN A 565 -3.43 -24.72 8.12
CA GLN A 565 -3.23 -24.85 9.56
C GLN A 565 -3.79 -23.62 10.32
N TRP A 566 -3.59 -22.44 9.74
CA TRP A 566 -4.20 -21.23 10.30
C TRP A 566 -5.73 -21.33 10.22
N GLU A 567 -6.23 -21.76 9.07
CA GLU A 567 -7.67 -21.92 8.89
C GLU A 567 -8.28 -22.86 9.93
N SER A 568 -7.50 -23.83 10.39
CA SER A 568 -8.02 -24.86 11.31
C SER A 568 -8.38 -24.26 12.67
N MET A 569 -7.83 -23.07 12.98
CA MET A 569 -8.18 -22.39 14.23
C MET A 569 -9.66 -22.03 14.26
N PHE A 570 -10.26 -21.95 13.08
CA PHE A 570 -11.64 -21.53 12.94
C PHE A 570 -12.60 -22.72 12.86
N GLU A 571 -12.08 -23.92 13.14
CA GLU A 571 -12.89 -25.16 13.02
C GLU A 571 -14.23 -25.08 13.75
N LYS A 572 -14.22 -24.47 14.92
CA LYS A 572 -15.42 -24.33 15.76
C LYS A 572 -16.08 -22.96 15.64
N HIS A 573 -15.58 -22.12 14.74
CA HIS A 573 -16.11 -20.77 14.54
C HIS A 573 -16.10 -20.42 13.06
N ARG A 574 -16.70 -21.29 12.27
CA ARG A 574 -16.69 -21.15 10.81
C ARG A 574 -17.29 -19.85 10.32
N ASP A 575 -18.27 -19.31 11.05
CA ASP A 575 -18.93 -18.07 10.65
C ASP A 575 -18.02 -16.85 10.72
N LEU A 576 -16.91 -16.97 11.44
CA LEU A 576 -16.00 -15.83 11.57
C LEU A 576 -14.79 -15.92 10.64
N PHE A 577 -14.65 -17.06 9.97
CA PHE A 577 -13.51 -17.26 9.07
C PHE A 577 -13.56 -16.30 7.89
#